data_1T2Q
#
_entry.id   1T2Q
#
_cell.length_a   57.863
_cell.length_b   77.123
_cell.length_c   118.131
_cell.angle_alpha   90.00
_cell.angle_beta   90.00
_cell.angle_gamma   90.00
#
_symmetry.space_group_name_H-M   'P 21 21 21'
#
loop_
_entity.id
_entity.type
_entity.pdbx_description
1 polymer 'Fab NNA7 Heavy Chain'
2 polymer 'Fab NNA7 Light Chain'
3 non-polymer GLYCEROL
4 non-polymer '2-(N-MORPHOLINO)-ETHANESULFONIC ACID'
5 water water
#
loop_
_entity_poly.entity_id
_entity_poly.type
_entity_poly.pdbx_seq_one_letter_code
_entity_poly.pdbx_strand_id
1 'polypeptide(L)'
;ELVMTQSPLSLPVSLGDQASISCRSSQSLVHSSGNTYLHWYLQKPGQSPKLLIYKVSNRFSGVPDRFSGSGSGTDFTLTI
SRVEAEDLGVYYCFQGSHVPLTFGAGTKLELKRADAAPTVSIFPPSSEQLTSGGASVVCFLNNFYPKDINVKWKIDGSER
QNGVLNSWTDQDSKDSTYSMSSTLTLTKDEYERHNSYTCEATHKTSTSPIVKSFNRN
;
L
2 'polypeptide(L)'
;EVQLLEESGPGLVQPSQSLSITCTVSGFSLTSYGVHWVRQSPGKGLEWLGVIWSGGSTDYNAAFISRLSISKDNSKSQVF
FKMNSLQADDTAIYYCARNRGYSYAMDSWGQGTSVTVSSAKTTPPSVYPLAPGSAAQTNSMVTLGCLVKGYFPEPVTVTW
NSGSLSSGVHTFPAVLQSDLYTLSSSVTVPSSTWPSETVTCNVAHPASSTKVDKKIVPRDC
;
H
#
loop_
_chem_comp.id
_chem_comp.type
_chem_comp.name
_chem_comp.formula
GOL non-polymer GLYCEROL 'C3 H8 O3'
MES non-polymer '2-(N-MORPHOLINO)-ETHANESULFONIC ACID' 'C6 H13 N O4 S'
#
# COMPACT_ATOMS: atom_id res chain seq x y z
N GLU A 1 -6.21 -15.13 -20.69
CA GLU A 1 -6.52 -14.87 -19.25
C GLU A 1 -7.82 -14.09 -19.13
N LEU A 2 -8.54 -14.27 -18.03
CA LEU A 2 -9.79 -13.56 -17.84
C LEU A 2 -9.47 -12.26 -17.10
N VAL A 3 -9.68 -11.14 -17.78
CA VAL A 3 -9.40 -9.82 -17.22
C VAL A 3 -10.64 -9.09 -16.71
N MET A 4 -10.57 -8.62 -15.48
CA MET A 4 -11.65 -7.89 -14.83
C MET A 4 -11.25 -6.42 -14.80
N THR A 5 -11.95 -5.59 -15.57
CA THR A 5 -11.63 -4.17 -15.62
C THR A 5 -12.64 -3.30 -14.87
N GLN A 6 -12.18 -2.66 -13.80
CA GLN A 6 -13.04 -1.78 -13.03
C GLN A 6 -12.80 -0.35 -13.45
N SER A 7 -13.86 0.45 -13.46
CA SER A 7 -13.81 1.85 -13.84
C SER A 7 -14.87 2.62 -13.06
N PRO A 8 -14.48 3.75 -12.44
CA PRO A 8 -13.11 4.28 -12.44
C PRO A 8 -12.26 3.54 -11.42
N LEU A 9 -10.95 3.80 -11.44
CA LEU A 9 -10.04 3.16 -10.49
C LEU A 9 -10.01 3.99 -9.21
N SER A 10 -10.22 5.31 -9.37
CA SER A 10 -10.27 6.24 -8.25
C SER A 10 -11.60 6.97 -8.36
N LEU A 11 -12.34 7.05 -7.27
CA LEU A 11 -13.63 7.72 -7.32
C LEU A 11 -13.87 8.69 -6.17
N PRO A 12 -13.52 9.97 -6.38
CA PRO A 12 -13.71 10.99 -5.34
C PRO A 12 -15.22 11.20 -5.19
N VAL A 13 -15.69 11.32 -3.95
CA VAL A 13 -17.11 11.53 -3.73
C VAL A 13 -17.35 12.35 -2.48
N SER A 14 -18.48 13.06 -2.46
CA SER A 14 -18.83 13.84 -1.30
C SER A 14 -19.84 12.97 -0.54
N LEU A 15 -19.77 12.99 0.78
CA LEU A 15 -20.70 12.19 1.58
C LEU A 15 -22.11 12.60 1.19
N GLY A 16 -22.98 11.61 0.98
CA GLY A 16 -24.35 11.90 0.62
C GLY A 16 -24.62 11.74 -0.86
N ASP A 17 -23.57 11.73 -1.67
CA ASP A 17 -23.76 11.59 -3.10
C ASP A 17 -23.86 10.13 -3.55
N GLN A 18 -24.30 9.95 -4.79
CA GLN A 18 -24.44 8.63 -5.37
C GLN A 18 -23.12 8.27 -6.05
N ALA A 19 -22.75 7.00 -5.96
CA ALA A 19 -21.52 6.54 -6.57
C ALA A 19 -21.82 5.28 -7.38
N SER A 20 -21.13 5.12 -8.50
CA SER A 20 -21.33 3.98 -9.37
C SER A 20 -19.99 3.43 -9.85
N ILE A 21 -19.80 2.13 -9.66
CA ILE A 21 -18.56 1.47 -10.05
C ILE A 21 -18.81 0.39 -11.10
N SER A 22 -18.06 0.48 -12.20
CA SER A 22 -18.19 -0.47 -13.30
C SER A 22 -17.14 -1.57 -13.24
N CYS A 23 -17.56 -2.77 -13.64
CA CYS A 23 -16.67 -3.92 -13.69
C CYS A 23 -17.05 -4.71 -14.93
N ARG A 24 -16.10 -4.83 -15.84
CA ARG A 24 -16.32 -5.56 -17.09
C ARG A 24 -15.31 -6.68 -17.22
N SER A 25 -15.79 -7.84 -17.67
CA SER A 25 -14.91 -8.99 -17.85
C SER A 25 -14.62 -9.22 -19.32
N SER A 26 -13.45 -9.77 -19.61
CA SER A 26 -13.02 -10.05 -20.97
C SER A 26 -13.85 -11.16 -21.59
N GLN A 27 -14.58 -11.90 -20.77
CA GLN A 27 -15.44 -12.97 -21.25
C GLN A 27 -16.60 -13.15 -20.29
N SER A 28 -17.71 -13.69 -20.78
CA SER A 28 -18.90 -13.85 -19.95
C SER A 28 -18.66 -14.57 -18.63
N LEU A 29 -19.33 -14.08 -17.58
CA LEU A 29 -19.21 -14.68 -16.26
C LEU A 29 -20.36 -15.64 -16.02
N VAL A 30 -21.19 -15.86 -17.05
CA VAL A 30 -22.29 -16.79 -16.90
C VAL A 30 -21.64 -18.17 -16.89
N HIS A 31 -21.73 -18.85 -15.75
CA HIS A 31 -21.15 -20.17 -15.57
C HIS A 31 -22.02 -21.23 -16.24
N SER A 32 -21.44 -22.39 -16.54
CA SER A 32 -22.18 -23.46 -17.22
C SER A 32 -23.36 -23.96 -16.39
N SER A 33 -23.34 -23.68 -15.10
CA SER A 33 -24.43 -24.07 -14.20
C SER A 33 -25.63 -23.15 -14.40
N GLY A 34 -25.42 -22.05 -15.12
CA GLY A 34 -26.49 -21.10 -15.36
C GLY A 34 -26.41 -19.90 -14.42
N ASN A 35 -25.58 -20.02 -13.39
CA ASN A 35 -25.41 -18.95 -12.43
C ASN A 35 -24.28 -18.01 -12.85
N THR A 36 -24.29 -16.79 -12.34
CA THR A 36 -23.23 -15.84 -12.66
C THR A 36 -22.50 -15.51 -11.36
N TYR A 37 -21.29 -16.04 -11.22
CA TYR A 37 -20.51 -15.83 -10.01
C TYR A 37 -19.64 -14.57 -10.03
N LEU A 38 -20.31 -13.42 -10.01
CA LEU A 38 -19.65 -12.12 -9.99
C LEU A 38 -19.98 -11.52 -8.63
N HIS A 39 -18.95 -11.22 -7.85
CA HIS A 39 -19.13 -10.69 -6.50
C HIS A 39 -18.38 -9.38 -6.26
N TRP A 40 -18.83 -8.63 -5.25
CA TRP A 40 -18.20 -7.35 -4.89
C TRP A 40 -17.72 -7.35 -3.45
N TYR A 41 -16.49 -6.93 -3.24
CA TYR A 41 -15.91 -6.85 -1.91
C TYR A 41 -15.54 -5.40 -1.60
N LEU A 42 -15.55 -5.06 -0.32
CA LEU A 42 -15.14 -3.73 0.13
C LEU A 42 -14.03 -3.97 1.11
N GLN A 43 -12.93 -3.25 0.96
CA GLN A 43 -11.82 -3.40 1.89
C GLN A 43 -11.40 -2.06 2.45
N LYS A 44 -11.39 -1.97 3.78
CA LYS A 44 -11.00 -0.75 4.47
C LYS A 44 -9.57 -0.90 4.94
N PRO A 45 -8.87 0.23 5.16
CA PRO A 45 -7.47 0.21 5.61
C PRO A 45 -7.19 -0.75 6.76
N GLY A 46 -6.11 -1.53 6.61
CA GLY A 46 -5.71 -2.47 7.64
C GLY A 46 -6.58 -3.71 7.80
N GLN A 47 -7.77 -3.70 7.20
CA GLN A 47 -8.70 -4.81 7.28
C GLN A 47 -8.67 -5.76 6.08
N SER A 48 -9.22 -6.95 6.28
CA SER A 48 -9.31 -7.95 5.23
C SER A 48 -10.53 -7.56 4.40
N PRO A 49 -10.59 -7.98 3.13
CA PRO A 49 -11.75 -7.62 2.31
C PRO A 49 -13.02 -8.25 2.91
N LYS A 50 -14.17 -7.62 2.67
CA LYS A 50 -15.42 -8.14 3.17
C LYS A 50 -16.41 -8.22 2.02
N LEU A 51 -17.16 -9.32 1.98
CA LEU A 51 -18.15 -9.55 0.95
C LEU A 51 -19.30 -8.56 1.07
N LEU A 52 -19.66 -7.92 -0.04
CA LEU A 52 -20.76 -6.97 -0.06
C LEU A 52 -21.95 -7.51 -0.84
N ILE A 53 -21.67 -7.94 -2.06
CA ILE A 53 -22.70 -8.47 -2.95
C ILE A 53 -22.18 -9.77 -3.56
N TYR A 54 -23.03 -10.79 -3.60
CA TYR A 54 -22.63 -12.05 -4.19
C TYR A 54 -23.61 -12.41 -5.29
N LYS A 55 -23.10 -13.02 -6.35
CA LYS A 55 -23.90 -13.39 -7.50
C LYS A 55 -24.66 -12.19 -8.08
N VAL A 56 -23.88 -11.20 -8.49
CA VAL A 56 -24.36 -9.97 -9.13
C VAL A 56 -25.20 -8.98 -8.31
N SER A 57 -26.24 -9.47 -7.65
CA SER A 57 -27.14 -8.55 -6.94
C SER A 57 -27.60 -8.89 -5.53
N ASN A 58 -27.11 -10.00 -4.97
CA ASN A 58 -27.53 -10.38 -3.63
C ASN A 58 -26.72 -9.72 -2.53
N ARG A 59 -27.38 -8.89 -1.72
CA ARG A 59 -26.71 -8.21 -0.63
C ARG A 59 -26.37 -9.22 0.45
N PHE A 60 -25.11 -9.21 0.89
CA PHE A 60 -24.67 -10.14 1.92
C PHE A 60 -25.18 -9.69 3.28
N SER A 61 -25.09 -10.59 4.26
CA SER A 61 -25.54 -10.32 5.61
C SER A 61 -24.98 -9.01 6.17
N GLY A 62 -25.86 -8.14 6.66
CA GLY A 62 -25.44 -6.88 7.25
C GLY A 62 -25.14 -5.74 6.31
N VAL A 63 -25.30 -5.96 5.00
CA VAL A 63 -25.04 -4.92 4.01
C VAL A 63 -26.29 -4.06 3.79
N PRO A 64 -26.20 -2.75 4.09
CA PRO A 64 -27.33 -1.83 3.93
C PRO A 64 -27.87 -1.76 2.52
N ASP A 65 -29.14 -1.37 2.41
CA ASP A 65 -29.80 -1.29 1.12
C ASP A 65 -29.29 -0.22 0.17
N ARG A 66 -28.45 0.70 0.65
CA ARG A 66 -27.95 1.73 -0.23
C ARG A 66 -26.99 1.10 -1.27
N PHE A 67 -26.60 -0.14 -1.02
CA PHE A 67 -25.71 -0.88 -1.91
C PHE A 67 -26.57 -1.76 -2.80
N SER A 68 -26.36 -1.68 -4.12
CA SER A 68 -27.12 -2.51 -5.04
C SER A 68 -26.22 -2.89 -6.20
N GLY A 69 -26.31 -4.16 -6.60
CA GLY A 69 -25.50 -4.63 -7.71
C GLY A 69 -26.39 -5.05 -8.86
N SER A 70 -25.91 -4.86 -10.09
CA SER A 70 -26.69 -5.23 -11.26
C SER A 70 -25.74 -5.58 -12.40
N GLY A 71 -26.31 -5.94 -13.54
CA GLY A 71 -25.51 -6.29 -14.69
C GLY A 71 -25.68 -7.74 -15.08
N SER A 72 -25.01 -8.15 -16.14
CA SER A 72 -25.08 -9.54 -16.61
C SER A 72 -24.03 -9.77 -17.69
N GLY A 73 -23.70 -11.04 -17.90
CA GLY A 73 -22.73 -11.39 -18.91
C GLY A 73 -21.33 -10.89 -18.62
N THR A 74 -20.95 -9.79 -19.27
CA THR A 74 -19.63 -9.21 -19.09
C THR A 74 -19.67 -7.82 -18.47
N ASP A 75 -20.87 -7.28 -18.28
CA ASP A 75 -21.01 -5.92 -17.73
C ASP A 75 -21.75 -5.87 -16.41
N PHE A 76 -21.08 -5.36 -15.38
CA PHE A 76 -21.67 -5.28 -14.05
C PHE A 76 -21.47 -3.91 -13.42
N THR A 77 -22.35 -3.57 -12.49
CA THR A 77 -22.28 -2.29 -11.83
C THR A 77 -22.66 -2.36 -10.37
N LEU A 78 -21.91 -1.64 -9.54
CA LEU A 78 -22.17 -1.57 -8.12
C LEU A 78 -22.57 -0.11 -7.89
N THR A 79 -23.68 0.10 -7.19
CA THR A 79 -24.15 1.45 -6.92
C THR A 79 -24.36 1.71 -5.44
N ILE A 80 -23.98 2.91 -5.00
CA ILE A 80 -24.16 3.33 -3.61
C ILE A 80 -25.09 4.54 -3.73
N SER A 81 -26.31 4.42 -3.23
CA SER A 81 -27.29 5.50 -3.34
C SER A 81 -26.89 6.79 -2.62
N ARG A 82 -26.34 6.67 -1.43
CA ARG A 82 -25.91 7.84 -0.68
C ARG A 82 -24.70 7.45 0.15
N VAL A 83 -23.52 7.85 -0.32
CA VAL A 83 -22.27 7.51 0.35
C VAL A 83 -22.12 8.06 1.75
N GLU A 84 -21.73 7.17 2.67
CA GLU A 84 -21.51 7.53 4.05
C GLU A 84 -20.04 7.28 4.37
N ALA A 85 -19.52 7.94 5.39
CA ALA A 85 -18.11 7.81 5.76
C ALA A 85 -17.62 6.37 5.86
N GLU A 86 -18.45 5.47 6.37
CA GLU A 86 -18.04 4.08 6.51
C GLU A 86 -17.96 3.32 5.19
N ASP A 87 -18.39 3.95 4.10
CA ASP A 87 -18.34 3.29 2.80
C ASP A 87 -17.02 3.53 2.08
N LEU A 88 -16.24 4.50 2.56
CA LEU A 88 -14.95 4.81 1.96
C LEU A 88 -14.00 3.63 2.13
N GLY A 89 -13.30 3.29 1.05
CA GLY A 89 -12.38 2.17 1.07
C GLY A 89 -12.16 1.73 -0.36
N VAL A 90 -11.69 0.51 -0.56
CA VAL A 90 -11.45 0.01 -1.91
C VAL A 90 -12.41 -1.11 -2.28
N TYR A 91 -13.12 -0.92 -3.38
CA TYR A 91 -14.08 -1.92 -3.86
C TYR A 91 -13.50 -2.82 -4.93
N TYR A 92 -13.67 -4.13 -4.76
CA TYR A 92 -13.18 -5.10 -5.71
C TYR A 92 -14.29 -5.99 -6.26
N CYS A 93 -14.30 -6.20 -7.57
CA CYS A 93 -15.26 -7.15 -8.14
C CYS A 93 -14.42 -8.41 -8.25
N PHE A 94 -15.06 -9.56 -8.14
CA PHE A 94 -14.36 -10.85 -8.18
C PHE A 94 -15.24 -11.85 -8.91
N GLN A 95 -14.62 -12.72 -9.72
CA GLN A 95 -15.39 -13.72 -10.43
C GLN A 95 -14.99 -15.12 -10.01
N GLY A 96 -15.99 -15.97 -9.79
CA GLY A 96 -15.73 -17.35 -9.39
C GLY A 96 -16.25 -18.31 -10.44
N SER A 97 -16.47 -17.79 -11.65
CA SER A 97 -16.99 -18.59 -12.75
C SER A 97 -15.94 -19.33 -13.56
N HIS A 98 -14.73 -18.79 -13.64
CA HIS A 98 -13.68 -19.42 -14.44
C HIS A 98 -12.32 -19.44 -13.76
N VAL A 99 -11.82 -20.65 -13.51
CA VAL A 99 -10.50 -20.80 -12.88
C VAL A 99 -9.46 -20.47 -13.94
N PRO A 100 -8.42 -19.70 -13.58
CA PRO A 100 -8.16 -19.15 -12.24
C PRO A 100 -9.09 -18.00 -11.88
N LEU A 101 -9.64 -18.05 -10.66
CA LEU A 101 -10.54 -17.00 -10.19
C LEU A 101 -9.75 -15.70 -10.14
N THR A 102 -10.38 -14.60 -10.56
CA THR A 102 -9.67 -13.32 -10.59
C THR A 102 -10.42 -12.13 -9.99
N PHE A 103 -9.63 -11.13 -9.59
CA PHE A 103 -10.13 -9.90 -8.99
C PHE A 103 -9.93 -8.75 -9.96
N GLY A 104 -10.70 -7.69 -9.76
CA GLY A 104 -10.52 -6.50 -10.57
C GLY A 104 -9.39 -5.76 -9.86
N ALA A 105 -8.90 -4.65 -10.41
CA ALA A 105 -7.80 -3.93 -9.77
C ALA A 105 -8.20 -3.16 -8.52
N GLY A 106 -9.50 -2.98 -8.32
CA GLY A 106 -9.97 -2.24 -7.15
C GLY A 106 -10.30 -0.79 -7.48
N THR A 107 -11.38 -0.28 -6.90
CA THR A 107 -11.78 1.11 -7.12
C THR A 107 -11.74 1.78 -5.75
N LYS A 108 -10.97 2.84 -5.63
CA LYS A 108 -10.84 3.52 -4.36
C LYS A 108 -11.83 4.66 -4.19
N LEU A 109 -12.80 4.47 -3.30
CA LEU A 109 -13.81 5.48 -3.02
C LEU A 109 -13.20 6.37 -1.95
N GLU A 110 -12.92 7.61 -2.31
CA GLU A 110 -12.32 8.52 -1.35
C GLU A 110 -13.09 9.83 -1.21
N LEU A 111 -12.80 10.54 -0.13
CA LEU A 111 -13.47 11.80 0.15
C LEU A 111 -12.94 12.91 -0.73
N LYS A 112 -13.86 13.61 -1.36
CA LYS A 112 -13.54 14.72 -2.24
C LYS A 112 -13.36 16.00 -1.44
N ARG A 113 -12.49 16.88 -1.92
CA ARG A 113 -12.25 18.17 -1.29
C ARG A 113 -11.81 19.09 -2.41
N ALA A 114 -11.66 20.37 -2.10
CA ALA A 114 -11.24 21.33 -3.12
C ALA A 114 -9.80 21.02 -3.53
N ASP A 115 -9.47 21.25 -4.80
CA ASP A 115 -8.13 21.01 -5.29
C ASP A 115 -7.19 21.90 -4.48
N ALA A 116 -5.98 21.41 -4.23
CA ALA A 116 -5.02 22.18 -3.46
C ALA A 116 -3.62 21.93 -3.97
N ALA A 117 -2.88 23.01 -4.19
CA ALA A 117 -1.52 22.90 -4.69
C ALA A 117 -0.61 22.34 -3.60
N PRO A 118 0.41 21.58 -4.00
CA PRO A 118 1.33 20.99 -3.02
C PRO A 118 2.32 22.02 -2.52
N THR A 119 2.79 21.82 -1.29
CA THR A 119 3.82 22.70 -0.72
C THR A 119 5.08 21.89 -0.98
N VAL A 120 5.95 22.42 -1.82
CA VAL A 120 7.18 21.73 -2.19
C VAL A 120 8.43 22.20 -1.46
N SER A 121 9.19 21.24 -0.95
CA SER A 121 10.44 21.53 -0.24
C SER A 121 11.54 20.59 -0.69
N ILE A 122 12.71 21.13 -1.02
CA ILE A 122 13.83 20.31 -1.46
C ILE A 122 14.95 20.36 -0.40
N PHE A 123 15.66 19.26 -0.25
CA PHE A 123 16.72 19.17 0.76
C PHE A 123 18.01 18.56 0.23
N PRO A 124 19.13 19.26 0.41
CA PRO A 124 20.38 18.68 -0.08
C PRO A 124 20.83 17.54 0.83
N PRO A 125 21.79 16.72 0.38
CA PRO A 125 22.28 15.62 1.21
C PRO A 125 22.88 16.22 2.48
N SER A 126 22.65 15.57 3.62
CA SER A 126 23.20 16.06 4.87
C SER A 126 24.70 15.85 4.86
N SER A 127 25.43 16.60 5.69
CA SER A 127 26.87 16.45 5.75
C SER A 127 27.16 15.05 6.30
N GLU A 128 26.31 14.58 7.21
CA GLU A 128 26.48 13.26 7.79
C GLU A 128 26.48 12.16 6.74
N GLN A 129 25.50 12.20 5.84
CA GLN A 129 25.40 11.17 4.81
C GLN A 129 26.58 11.24 3.84
N LEU A 130 26.98 12.43 3.46
CA LEU A 130 28.10 12.59 2.53
C LEU A 130 29.34 11.96 3.15
N THR A 131 29.51 12.16 4.45
CA THR A 131 30.65 11.60 5.17
C THR A 131 30.63 10.07 5.01
N SER A 132 29.42 9.51 4.85
CA SER A 132 29.26 8.07 4.71
C SER A 132 29.45 7.57 3.28
N GLY A 133 29.57 8.49 2.33
CA GLY A 133 29.77 8.09 0.95
C GLY A 133 28.52 8.10 0.09
N GLY A 134 27.40 8.49 0.67
CA GLY A 134 26.15 8.54 -0.08
C GLY A 134 25.61 9.94 -0.21
N ALA A 135 24.61 10.12 -1.07
CA ALA A 135 24.01 11.44 -1.26
C ALA A 135 22.57 11.33 -1.73
N SER A 136 21.63 11.50 -0.81
CA SER A 136 20.22 11.45 -1.15
C SER A 136 19.67 12.85 -1.21
N VAL A 137 19.00 13.20 -2.30
CA VAL A 137 18.40 14.52 -2.44
C VAL A 137 16.91 14.27 -2.24
N VAL A 138 16.34 14.86 -1.20
CA VAL A 138 14.93 14.65 -0.87
C VAL A 138 14.01 15.82 -1.21
N CYS A 139 12.81 15.48 -1.66
CA CYS A 139 11.81 16.47 -2.00
C CYS A 139 10.45 16.08 -1.46
N PHE A 140 9.83 16.98 -0.70
CA PHE A 140 8.51 16.75 -0.13
C PHE A 140 7.47 17.57 -0.88
N LEU A 141 6.39 16.92 -1.29
CA LEU A 141 5.29 17.59 -1.98
C LEU A 141 4.14 17.26 -1.04
N ASN A 142 3.81 18.21 -0.18
CA ASN A 142 2.80 18.01 0.85
C ASN A 142 1.44 18.66 0.73
N ASN A 143 0.45 17.97 1.29
CA ASN A 143 -0.93 18.42 1.35
C ASN A 143 -1.51 19.01 0.07
N PHE A 144 -1.60 18.18 -0.96
CA PHE A 144 -2.17 18.61 -2.22
C PHE A 144 -3.35 17.72 -2.55
N TYR A 145 -4.16 18.13 -3.52
CA TYR A 145 -5.33 17.35 -3.93
C TYR A 145 -5.71 17.81 -5.35
N PRO A 146 -6.05 16.87 -6.25
CA PRO A 146 -6.11 15.41 -6.07
C PRO A 146 -4.73 14.76 -5.96
N LYS A 147 -4.70 13.45 -5.75
CA LYS A 147 -3.45 12.74 -5.60
C LYS A 147 -2.60 12.68 -6.87
N ASP A 148 -3.23 12.88 -8.03
CA ASP A 148 -2.49 12.86 -9.29
C ASP A 148 -1.45 13.96 -9.30
N ILE A 149 -0.19 13.58 -9.48
CA ILE A 149 0.89 14.57 -9.52
C ILE A 149 2.09 14.02 -10.26
N ASN A 150 2.87 14.92 -10.86
CA ASN A 150 4.04 14.51 -11.60
C ASN A 150 5.26 15.24 -11.04
N VAL A 151 6.29 14.48 -10.68
CA VAL A 151 7.51 15.07 -10.13
C VAL A 151 8.68 14.75 -11.05
N LYS A 152 9.45 15.77 -11.40
CA LYS A 152 10.61 15.59 -12.26
C LYS A 152 11.84 16.12 -11.53
N TRP A 153 12.95 15.43 -11.71
CA TRP A 153 14.22 15.83 -11.11
C TRP A 153 15.10 16.34 -12.24
N LYS A 154 15.78 17.46 -12.00
CA LYS A 154 16.67 18.01 -13.01
C LYS A 154 18.00 18.34 -12.37
N ILE A 155 19.07 17.80 -12.96
CA ILE A 155 20.43 18.00 -12.47
C ILE A 155 21.13 18.83 -13.52
N ASP A 156 21.55 20.04 -13.16
CA ASP A 156 22.17 20.95 -14.10
C ASP A 156 21.31 21.08 -15.35
N GLY A 157 19.99 21.13 -15.15
CA GLY A 157 19.08 21.29 -16.27
C GLY A 157 18.66 20.05 -17.04
N SER A 158 19.26 18.90 -16.73
CA SER A 158 18.92 17.65 -17.43
C SER A 158 17.99 16.79 -16.57
N GLU A 159 16.93 16.28 -17.18
CA GLU A 159 15.99 15.44 -16.44
C GLU A 159 16.66 14.13 -16.09
N ARG A 160 16.48 13.68 -14.85
CA ARG A 160 17.05 12.42 -14.41
C ARG A 160 15.94 11.61 -13.76
N GLN A 161 15.73 10.39 -14.25
CA GLN A 161 14.69 9.54 -13.67
C GLN A 161 15.20 8.28 -12.99
N ASN A 162 16.41 7.84 -13.35
CA ASN A 162 16.98 6.65 -12.73
C ASN A 162 17.53 7.04 -11.36
N GLY A 163 17.29 6.17 -10.38
CA GLY A 163 17.77 6.45 -9.03
C GLY A 163 16.74 7.23 -8.23
N VAL A 164 15.56 7.45 -8.81
CA VAL A 164 14.50 8.17 -8.12
C VAL A 164 13.51 7.19 -7.50
N LEU A 165 13.20 7.42 -6.23
CA LEU A 165 12.24 6.58 -5.51
C LEU A 165 11.18 7.50 -4.92
N ASN A 166 9.92 7.15 -5.14
CA ASN A 166 8.80 7.95 -4.64
C ASN A 166 7.97 7.18 -3.63
N SER A 167 7.36 7.91 -2.71
CA SER A 167 6.51 7.31 -1.70
C SER A 167 5.34 8.26 -1.47
N TRP A 168 4.12 7.71 -1.46
CA TRP A 168 2.91 8.49 -1.26
C TRP A 168 2.19 8.10 0.02
N THR A 169 1.64 9.09 0.73
CA THR A 169 0.91 8.81 1.95
C THR A 169 -0.53 8.53 1.54
N ASP A 170 -1.34 8.06 2.48
CA ASP A 170 -2.74 7.81 2.18
C ASP A 170 -3.47 9.12 2.47
N GLN A 171 -4.69 9.26 1.97
CA GLN A 171 -5.45 10.48 2.18
C GLN A 171 -5.51 10.86 3.66
N ASP A 172 -5.21 12.13 3.94
CA ASP A 172 -5.20 12.61 5.31
C ASP A 172 -6.60 12.52 5.90
N SER A 173 -6.69 11.95 7.10
CA SER A 173 -7.99 11.79 7.76
C SER A 173 -8.57 13.13 8.20
N LYS A 174 -7.72 14.14 8.31
CA LYS A 174 -8.16 15.46 8.74
C LYS A 174 -8.48 16.46 7.64
N ASP A 175 -7.55 16.70 6.71
CA ASP A 175 -7.83 17.65 5.64
C ASP A 175 -8.06 17.02 4.27
N SER A 176 -8.10 15.70 4.23
CA SER A 176 -8.36 14.94 3.00
C SER A 176 -7.35 15.13 1.88
N THR A 177 -6.15 15.61 2.22
CA THR A 177 -5.13 15.83 1.21
C THR A 177 -4.18 14.65 1.14
N TYR A 178 -3.29 14.71 0.15
CA TYR A 178 -2.28 13.67 -0.05
C TYR A 178 -0.91 14.34 0.01
N SER A 179 0.11 13.55 0.30
CA SER A 179 1.48 14.06 0.34
C SER A 179 2.38 13.00 -0.26
N MET A 180 3.53 13.41 -0.76
CA MET A 180 4.45 12.46 -1.33
C MET A 180 5.86 12.90 -1.13
N SER A 181 6.76 11.92 -1.12
CA SER A 181 8.18 12.15 -0.94
C SER A 181 8.87 11.58 -2.16
N SER A 182 9.84 12.31 -2.69
CA SER A 182 10.59 11.87 -3.84
C SER A 182 12.07 12.01 -3.47
N THR A 183 12.84 10.96 -3.71
CA THR A 183 14.26 11.00 -3.36
C THR A 183 15.13 10.59 -4.53
N LEU A 184 16.09 11.45 -4.87
CA LEU A 184 17.02 11.15 -5.94
C LEU A 184 18.24 10.59 -5.23
N THR A 185 18.48 9.28 -5.35
CA THR A 185 19.62 8.65 -4.69
C THR A 185 20.83 8.63 -5.61
N LEU A 186 21.95 9.15 -5.10
CA LEU A 186 23.18 9.22 -5.88
C LEU A 186 24.36 8.79 -5.03
N THR A 187 25.47 8.46 -5.67
CA THR A 187 26.68 8.12 -4.94
C THR A 187 27.28 9.49 -4.66
N LYS A 188 28.16 9.58 -3.68
CA LYS A 188 28.78 10.85 -3.39
C LYS A 188 29.50 11.40 -4.63
N ASP A 189 30.14 10.51 -5.38
CA ASP A 189 30.86 10.96 -6.58
C ASP A 189 29.90 11.52 -7.64
N GLU A 190 28.74 10.89 -7.81
CA GLU A 190 27.78 11.39 -8.79
C GLU A 190 27.29 12.77 -8.39
N TYR A 191 27.04 12.96 -7.09
CA TYR A 191 26.56 14.23 -6.59
C TYR A 191 27.56 15.35 -6.89
N GLU A 192 28.85 15.04 -6.75
CA GLU A 192 29.90 16.02 -6.99
C GLU A 192 30.16 16.33 -8.47
N ARG A 193 29.48 15.64 -9.37
CA ARG A 193 29.66 15.89 -10.80
C ARG A 193 28.76 17.03 -11.26
N HIS A 194 27.85 17.45 -10.40
CA HIS A 194 26.91 18.50 -10.77
C HIS A 194 26.63 19.51 -9.67
N ASN A 195 26.12 20.66 -10.06
CA ASN A 195 25.85 21.72 -9.09
C ASN A 195 24.38 21.97 -8.82
N SER A 196 23.59 22.19 -9.86
CA SER A 196 22.17 22.50 -9.68
C SER A 196 21.26 21.28 -9.57
N TYR A 197 20.49 21.23 -8.48
CA TYR A 197 19.55 20.13 -8.26
C TYR A 197 18.16 20.72 -8.11
N THR A 198 17.24 20.23 -8.92
CA THR A 198 15.89 20.77 -8.91
C THR A 198 14.81 19.71 -8.83
N CYS A 199 13.78 20.03 -8.06
CA CYS A 199 12.60 19.18 -7.88
C CYS A 199 11.45 19.97 -8.49
N GLU A 200 10.81 19.42 -9.51
CA GLU A 200 9.70 20.10 -10.18
C GLU A 200 8.39 19.35 -10.06
N ALA A 201 7.37 20.05 -9.57
CA ALA A 201 6.06 19.44 -9.39
C ALA A 201 5.01 20.00 -10.35
N THR A 202 4.39 19.10 -11.10
CA THR A 202 3.34 19.47 -12.03
C THR A 202 2.04 18.93 -11.44
N HIS A 203 1.08 19.84 -11.22
CA HIS A 203 -0.20 19.47 -10.63
C HIS A 203 -1.29 20.30 -11.31
N LYS A 204 -2.48 19.73 -11.47
CA LYS A 204 -3.57 20.43 -12.15
C LYS A 204 -3.95 21.79 -11.55
N THR A 205 -3.49 22.08 -10.35
CA THR A 205 -3.81 23.35 -9.71
C THR A 205 -3.14 24.55 -10.37
N SER A 206 -2.19 24.27 -11.26
CA SER A 206 -1.48 25.35 -11.96
C SER A 206 -0.94 24.92 -13.32
N THR A 207 -0.96 25.84 -14.27
CA THR A 207 -0.47 25.55 -15.61
C THR A 207 1.05 25.43 -15.63
N SER A 208 1.70 26.05 -14.65
CA SER A 208 3.16 26.02 -14.56
C SER A 208 3.60 25.19 -13.35
N PRO A 209 4.69 24.41 -13.51
CA PRO A 209 5.17 23.58 -12.42
C PRO A 209 5.77 24.41 -11.29
N ILE A 210 5.79 23.83 -10.09
CA ILE A 210 6.37 24.47 -8.93
C ILE A 210 7.81 23.98 -8.92
N VAL A 211 8.75 24.92 -8.92
CA VAL A 211 10.16 24.58 -8.95
C VAL A 211 10.93 24.96 -7.70
N LYS A 212 11.59 23.98 -7.10
CA LYS A 212 12.41 24.20 -5.91
C LYS A 212 13.80 23.65 -6.23
N SER A 213 14.82 24.45 -5.95
CA SER A 213 16.19 24.05 -6.26
C SER A 213 17.20 24.52 -5.24
N PHE A 214 18.44 24.06 -5.42
CA PHE A 214 19.55 24.46 -4.57
C PHE A 214 20.81 24.16 -5.38
N ASN A 215 21.91 24.82 -5.02
CA ASN A 215 23.18 24.61 -5.69
C ASN A 215 24.10 23.91 -4.71
N ARG A 216 24.74 22.84 -5.16
CA ARG A 216 25.67 22.11 -4.32
C ARG A 216 26.68 23.12 -3.77
N ASN A 217 26.88 24.20 -4.51
CA ASN A 217 27.80 25.26 -4.14
C ASN A 217 29.21 24.75 -3.95
N GLU B 1 -22.06 -20.25 14.46
CA GLU B 1 -21.86 -19.36 15.61
C GLU B 1 -21.04 -18.14 15.19
N VAL B 2 -19.71 -18.30 15.23
CA VAL B 2 -18.79 -17.23 14.85
C VAL B 2 -17.71 -17.85 13.96
N GLN B 3 -17.99 -17.84 12.66
CA GLN B 3 -17.10 -18.40 11.65
C GLN B 3 -15.79 -17.63 11.59
N LEU B 4 -14.74 -18.25 12.13
CA LEU B 4 -13.42 -17.62 12.18
C LEU B 4 -12.32 -18.45 11.51
N LEU B 5 -11.42 -17.77 10.84
CA LEU B 5 -10.28 -18.41 10.17
C LEU B 5 -9.07 -17.61 10.61
N GLU B 6 -8.00 -18.31 10.97
CA GLU B 6 -6.79 -17.62 11.41
C GLU B 6 -5.54 -18.23 10.80
N GLU B 7 -4.74 -17.39 10.16
CA GLU B 7 -3.51 -17.85 9.53
C GLU B 7 -2.36 -17.79 10.53
N SER B 8 -1.46 -18.75 10.40
CA SER B 8 -0.27 -18.83 11.24
C SER B 8 0.89 -19.00 10.26
N GLY B 9 1.70 -17.95 10.13
CA GLY B 9 2.82 -17.99 9.20
C GLY B 9 4.17 -17.65 9.82
N PRO B 10 5.27 -17.82 9.06
CA PRO B 10 6.63 -17.55 9.50
C PRO B 10 7.01 -16.08 9.60
N GLY B 11 6.38 -15.23 8.78
CA GLY B 11 6.69 -13.82 8.79
C GLY B 11 7.74 -13.47 7.76
N LEU B 12 8.97 -13.93 8.02
CA LEU B 12 10.11 -13.68 7.14
C LEU B 12 10.59 -14.98 6.51
N VAL B 13 10.77 -14.95 5.19
CA VAL B 13 11.24 -16.11 4.45
C VAL B 13 12.36 -15.66 3.52
N GLN B 14 13.37 -16.51 3.33
CA GLN B 14 14.46 -16.16 2.43
C GLN B 14 14.15 -16.61 1.01
N PRO B 15 14.57 -15.82 0.00
CA PRO B 15 14.28 -16.21 -1.38
C PRO B 15 14.86 -17.60 -1.72
N SER B 16 14.08 -18.37 -2.49
CA SER B 16 14.39 -19.73 -2.93
C SER B 16 13.87 -20.74 -1.91
N GLN B 17 13.57 -20.28 -0.70
CA GLN B 17 13.06 -21.19 0.32
C GLN B 17 11.55 -21.30 0.24
N SER B 18 10.95 -22.06 1.15
CA SER B 18 9.50 -22.25 1.11
C SER B 18 8.72 -21.46 2.15
N LEU B 19 7.41 -21.39 1.93
CA LEU B 19 6.50 -20.68 2.82
C LEU B 19 5.39 -21.63 3.24
N SER B 20 5.29 -21.89 4.54
CA SER B 20 4.26 -22.76 5.07
C SER B 20 3.34 -21.96 5.97
N ILE B 21 2.05 -22.03 5.69
CA ILE B 21 1.06 -21.31 6.46
C ILE B 21 -0.04 -22.29 6.84
N THR B 22 -0.47 -22.22 8.10
CA THR B 22 -1.55 -23.06 8.58
C THR B 22 -2.74 -22.17 8.87
N CYS B 23 -3.89 -22.54 8.33
CA CYS B 23 -5.13 -21.81 8.54
C CYS B 23 -5.98 -22.65 9.46
N THR B 24 -6.24 -22.13 10.65
CA THR B 24 -7.06 -22.84 11.63
C THR B 24 -8.43 -22.20 11.63
N VAL B 25 -9.47 -23.01 11.48
CA VAL B 25 -10.83 -22.51 11.44
C VAL B 25 -11.69 -23.06 12.58
N SER B 26 -12.76 -22.33 12.90
CA SER B 26 -13.68 -22.72 13.95
C SER B 26 -15.04 -22.10 13.62
N GLY B 27 -16.10 -22.73 14.10
CA GLY B 27 -17.44 -22.21 13.84
C GLY B 27 -18.07 -22.88 12.63
N PHE B 28 -17.29 -23.69 11.93
CA PHE B 28 -17.77 -24.43 10.77
C PHE B 28 -16.83 -25.57 10.47
N SER B 29 -17.31 -26.54 9.69
CA SER B 29 -16.52 -27.71 9.34
C SER B 29 -15.91 -27.63 7.94
N LEU B 30 -14.67 -28.10 7.82
CA LEU B 30 -13.99 -28.12 6.53
C LEU B 30 -14.67 -29.15 5.62
N THR B 31 -15.41 -30.09 6.21
CA THR B 31 -16.09 -31.09 5.40
C THR B 31 -17.34 -30.47 4.77
N SER B 32 -17.69 -29.27 5.22
CA SER B 32 -18.87 -28.58 4.70
C SER B 32 -18.58 -27.35 3.83
N TYR B 33 -17.40 -26.76 3.98
CA TYR B 33 -17.04 -25.58 3.19
C TYR B 33 -15.64 -25.65 2.64
N GLY B 34 -15.44 -25.10 1.46
CA GLY B 34 -14.12 -25.06 0.86
C GLY B 34 -13.38 -23.90 1.49
N VAL B 35 -12.07 -23.86 1.30
CA VAL B 35 -11.25 -22.78 1.86
C VAL B 35 -10.27 -22.27 0.80
N HIS B 36 -10.39 -20.99 0.48
CA HIS B 36 -9.55 -20.35 -0.52
C HIS B 36 -8.32 -19.73 0.11
N TRP B 37 -7.30 -19.50 -0.72
CA TRP B 37 -6.09 -18.83 -0.30
C TRP B 37 -5.94 -17.68 -1.28
N VAL B 38 -5.77 -16.48 -0.75
CA VAL B 38 -5.64 -15.28 -1.56
C VAL B 38 -4.53 -14.44 -0.95
N ARG B 39 -3.77 -13.74 -1.78
CA ARG B 39 -2.72 -12.90 -1.24
C ARG B 39 -2.87 -11.50 -1.79
N GLN B 40 -2.28 -10.54 -1.10
CA GLN B 40 -2.39 -9.16 -1.53
C GLN B 40 -1.07 -8.42 -1.38
N SER B 41 -0.65 -7.79 -2.47
CA SER B 41 0.58 -7.02 -2.50
C SER B 41 0.30 -5.76 -3.32
N PRO B 42 1.08 -4.69 -3.10
CA PRO B 42 0.83 -3.47 -3.86
C PRO B 42 1.08 -3.66 -5.36
N GLY B 43 2.04 -4.50 -5.69
CA GLY B 43 2.38 -4.73 -7.08
C GLY B 43 1.45 -5.60 -7.91
N LYS B 44 0.68 -6.47 -7.27
CA LYS B 44 -0.22 -7.35 -8.01
C LYS B 44 -1.66 -7.36 -7.47
N GLY B 45 -1.93 -6.47 -6.51
CA GLY B 45 -3.27 -6.41 -5.92
C GLY B 45 -3.69 -7.74 -5.33
N LEU B 46 -4.99 -8.01 -5.33
CA LEU B 46 -5.50 -9.27 -4.79
C LEU B 46 -5.36 -10.36 -5.84
N GLU B 47 -4.73 -11.47 -5.44
CA GLU B 47 -4.51 -12.60 -6.33
C GLU B 47 -5.06 -13.88 -5.68
N TRP B 48 -5.88 -14.62 -6.41
CA TRP B 48 -6.42 -15.87 -5.90
C TRP B 48 -5.36 -16.93 -6.20
N LEU B 49 -4.95 -17.69 -5.19
CA LEU B 49 -3.90 -18.69 -5.37
C LEU B 49 -4.41 -20.11 -5.58
N GLY B 50 -5.46 -20.49 -4.87
CA GLY B 50 -6.00 -21.82 -5.02
C GLY B 50 -7.06 -22.08 -3.97
N VAL B 51 -7.59 -23.30 -3.95
CA VAL B 51 -8.63 -23.63 -2.99
C VAL B 51 -8.70 -25.13 -2.76
N ILE B 52 -9.13 -25.52 -1.56
CA ILE B 52 -9.33 -26.93 -1.25
C ILE B 52 -10.81 -27.00 -0.87
N TRP B 53 -11.60 -27.61 -1.73
CA TRP B 53 -13.04 -27.73 -1.55
C TRP B 53 -13.40 -28.62 -0.35
N SER B 54 -14.65 -28.53 0.08
CA SER B 54 -15.13 -29.32 1.22
C SER B 54 -14.84 -30.80 1.03
N GLY B 55 -14.96 -31.28 -0.21
CA GLY B 55 -14.73 -32.68 -0.51
C GLY B 55 -13.28 -33.12 -0.47
N GLY B 56 -12.37 -32.15 -0.36
CA GLY B 56 -10.95 -32.49 -0.29
C GLY B 56 -10.12 -32.28 -1.53
N SER B 57 -10.76 -32.12 -2.69
CA SER B 57 -10.02 -31.91 -3.94
C SER B 57 -9.59 -30.45 -3.99
N THR B 58 -8.59 -30.15 -4.81
CA THR B 58 -8.08 -28.80 -4.92
C THR B 58 -8.11 -28.23 -6.34
N ASP B 59 -7.90 -26.92 -6.41
CA ASP B 59 -7.81 -26.19 -7.69
C ASP B 59 -6.77 -25.12 -7.42
N TYR B 60 -5.87 -24.91 -8.37
CA TYR B 60 -4.81 -23.94 -8.21
C TYR B 60 -4.77 -22.94 -9.35
N ASN B 61 -4.22 -21.77 -9.05
CA ASN B 61 -4.05 -20.73 -10.05
C ASN B 61 -2.87 -21.29 -10.86
N ALA B 62 -3.10 -21.56 -12.15
CA ALA B 62 -2.07 -22.14 -13.02
C ALA B 62 -0.71 -21.45 -12.97
N ALA B 63 -0.68 -20.17 -12.61
CA ALA B 63 0.58 -19.45 -12.54
C ALA B 63 1.42 -19.85 -11.32
N PHE B 64 0.82 -20.60 -10.40
CA PHE B 64 1.50 -21.04 -9.17
C PHE B 64 1.54 -22.55 -8.98
N ILE B 65 0.75 -23.27 -9.76
CA ILE B 65 0.66 -24.72 -9.61
C ILE B 65 1.99 -25.47 -9.54
N SER B 66 3.03 -24.97 -10.20
CA SER B 66 4.32 -25.65 -10.17
C SER B 66 5.02 -25.61 -8.81
N ARG B 67 4.57 -24.74 -7.92
CA ARG B 67 5.22 -24.63 -6.61
C ARG B 67 4.25 -24.45 -5.45
N LEU B 68 2.97 -24.66 -5.70
CA LEU B 68 1.97 -24.49 -4.65
C LEU B 68 1.32 -25.80 -4.26
N SER B 69 1.11 -25.97 -2.96
CA SER B 69 0.49 -27.17 -2.44
C SER B 69 -0.49 -26.79 -1.32
N ILE B 70 -1.74 -27.23 -1.44
CA ILE B 70 -2.76 -26.98 -0.44
C ILE B 70 -3.31 -28.32 0.01
N SER B 71 -3.44 -28.50 1.32
CA SER B 71 -3.97 -29.75 1.87
C SER B 71 -4.74 -29.42 3.14
N LYS B 72 -5.35 -30.43 3.74
CA LYS B 72 -6.09 -30.18 4.98
C LYS B 72 -6.29 -31.41 5.83
N ASP B 73 -6.68 -31.16 7.08
CA ASP B 73 -6.96 -32.21 8.04
C ASP B 73 -8.32 -31.82 8.61
N ASN B 74 -9.38 -32.45 8.11
CA ASN B 74 -10.73 -32.16 8.56
C ASN B 74 -10.92 -32.29 10.06
N SER B 75 -10.38 -33.36 10.64
CA SER B 75 -10.52 -33.60 12.07
C SER B 75 -9.93 -32.47 12.91
N LYS B 76 -8.83 -31.89 12.46
CA LYS B 76 -8.16 -30.81 13.18
C LYS B 76 -8.59 -29.41 12.74
N SER B 77 -9.53 -29.32 11.80
CA SER B 77 -10.00 -28.02 11.31
C SER B 77 -8.84 -27.16 10.84
N GLN B 78 -7.86 -27.78 10.19
CA GLN B 78 -6.70 -27.04 9.70
C GLN B 78 -6.47 -27.22 8.22
N VAL B 79 -6.14 -26.12 7.55
CA VAL B 79 -5.85 -26.14 6.11
C VAL B 79 -4.40 -25.72 5.97
N PHE B 80 -3.63 -26.48 5.20
CA PHE B 80 -2.20 -26.21 5.02
C PHE B 80 -1.85 -25.67 3.63
N PHE B 81 -1.08 -24.59 3.64
CA PHE B 81 -0.64 -23.92 2.44
C PHE B 81 0.88 -24.03 2.43
N LYS B 82 1.45 -24.40 1.29
CA LYS B 82 2.90 -24.46 1.17
C LYS B 82 3.32 -24.07 -0.24
N MET B 83 4.15 -23.04 -0.32
CA MET B 83 4.62 -22.57 -1.61
C MET B 83 6.16 -22.57 -1.59
N ASN B 84 6.76 -23.17 -2.61
CA ASN B 84 8.22 -23.26 -2.69
C ASN B 84 8.83 -22.21 -3.60
N SER B 85 10.16 -22.21 -3.67
CA SER B 85 10.92 -21.29 -4.51
C SER B 85 10.44 -19.85 -4.42
N LEU B 86 10.36 -19.33 -3.21
CA LEU B 86 9.90 -17.95 -3.00
C LEU B 86 10.83 -16.92 -3.62
N GLN B 87 10.25 -15.83 -4.09
CA GLN B 87 10.98 -14.74 -4.71
C GLN B 87 10.52 -13.44 -4.07
N ALA B 88 11.28 -12.37 -4.30
CA ALA B 88 10.94 -11.07 -3.72
C ALA B 88 9.48 -10.67 -3.85
N ASP B 89 8.93 -10.74 -5.06
CA ASP B 89 7.54 -10.35 -5.25
C ASP B 89 6.50 -11.29 -4.67
N ASP B 90 6.93 -12.26 -3.85
CA ASP B 90 5.98 -13.15 -3.19
C ASP B 90 5.72 -12.48 -1.84
N THR B 91 6.38 -11.35 -1.61
CA THR B 91 6.19 -10.59 -0.40
C THR B 91 4.77 -10.08 -0.47
N ALA B 92 3.96 -10.41 0.53
CA ALA B 92 2.57 -9.99 0.52
C ALA B 92 1.85 -10.48 1.76
N ILE B 93 0.58 -10.13 1.86
CA ILE B 93 -0.25 -10.58 2.97
C ILE B 93 -1.02 -11.76 2.39
N TYR B 94 -0.94 -12.89 3.07
CA TYR B 94 -1.60 -14.12 2.65
C TYR B 94 -2.83 -14.39 3.50
N TYR B 95 -3.96 -14.67 2.84
CA TYR B 95 -5.19 -14.92 3.56
C TYR B 95 -5.82 -16.25 3.21
N CYS B 96 -6.53 -16.83 4.17
CA CYS B 96 -7.31 -18.01 3.89
C CYS B 96 -8.71 -17.45 4.07
N ALA B 97 -9.67 -17.94 3.29
CA ALA B 97 -11.03 -17.45 3.38
C ALA B 97 -12.00 -18.55 3.03
N ARG B 98 -13.12 -18.59 3.76
CA ARG B 98 -14.11 -19.64 3.53
C ARG B 98 -14.88 -19.42 2.23
N ASN B 99 -15.14 -20.51 1.51
CA ASN B 99 -15.91 -20.44 0.28
C ASN B 99 -17.37 -20.55 0.68
N ARG B 100 -18.21 -19.63 0.21
CA ARG B 100 -19.63 -19.66 0.55
C ARG B 100 -20.41 -20.63 -0.33
N GLY B 101 -20.20 -21.91 -0.08
CA GLY B 101 -20.89 -22.95 -0.82
C GLY B 101 -21.09 -22.74 -2.31
N TYR B 102 -22.36 -22.75 -2.73
CA TYR B 102 -22.70 -22.60 -4.13
C TYR B 102 -22.67 -21.18 -4.69
N SER B 103 -22.16 -20.24 -3.92
CA SER B 103 -22.05 -18.86 -4.38
C SER B 103 -20.64 -18.66 -4.92
N TYR B 104 -19.74 -19.54 -4.50
CA TYR B 104 -18.34 -19.48 -4.92
C TYR B 104 -17.78 -18.08 -4.71
N ALA B 105 -17.98 -17.58 -3.51
CA ALA B 105 -17.50 -16.28 -3.07
C ALA B 105 -16.90 -16.48 -1.68
N MET B 106 -15.81 -15.77 -1.39
CA MET B 106 -15.19 -15.85 -0.09
C MET B 106 -16.06 -15.02 0.85
N ASP B 107 -16.56 -15.60 1.94
CA ASP B 107 -17.41 -14.84 2.85
C ASP B 107 -16.81 -14.51 4.20
N SER B 108 -15.92 -15.37 4.69
CA SER B 108 -15.25 -15.15 5.98
C SER B 108 -13.75 -15.19 5.72
N TRP B 109 -13.06 -14.12 6.06
CA TRP B 109 -11.62 -14.05 5.83
C TRP B 109 -10.81 -14.04 7.12
N GLY B 110 -9.60 -14.60 7.07
CA GLY B 110 -8.75 -14.56 8.23
C GLY B 110 -8.21 -13.14 8.23
N GLN B 111 -7.48 -12.75 9.27
CA GLN B 111 -6.91 -11.41 9.30
C GLN B 111 -5.72 -11.31 8.37
N GLY B 112 -5.24 -12.47 7.93
CA GLY B 112 -4.10 -12.51 7.03
C GLY B 112 -2.77 -12.51 7.77
N THR B 113 -1.75 -13.07 7.14
CA THR B 113 -0.43 -13.09 7.74
C THR B 113 0.53 -12.45 6.75
N SER B 114 1.29 -11.48 7.23
CA SER B 114 2.24 -10.76 6.39
C SER B 114 3.49 -11.58 6.17
N VAL B 115 3.87 -11.73 4.91
CA VAL B 115 5.08 -12.49 4.59
C VAL B 115 6.05 -11.61 3.83
N THR B 116 7.28 -11.55 4.32
CA THR B 116 8.32 -10.77 3.69
C THR B 116 9.38 -11.73 3.19
N VAL B 117 9.68 -11.65 1.90
CA VAL B 117 10.70 -12.53 1.32
C VAL B 117 11.95 -11.69 1.20
N SER B 118 12.94 -12.00 2.02
CA SER B 118 14.19 -11.24 2.01
C SER B 118 15.37 -12.02 2.57
N SER B 119 16.56 -11.70 2.07
CA SER B 119 17.79 -12.34 2.54
C SER B 119 18.49 -11.40 3.51
N ALA B 120 17.88 -10.26 3.77
CA ALA B 120 18.48 -9.27 4.67
C ALA B 120 18.55 -9.71 6.12
N LYS B 121 19.50 -9.12 6.84
CA LYS B 121 19.70 -9.40 8.26
C LYS B 121 19.25 -8.15 9.02
N THR B 122 18.89 -8.31 10.29
CA THR B 122 18.47 -7.18 11.11
C THR B 122 19.54 -6.10 11.02
N THR B 123 19.14 -4.91 10.62
CA THR B 123 20.07 -3.80 10.46
C THR B 123 19.45 -2.48 10.94
N PRO B 124 20.15 -1.76 11.82
CA PRO B 124 19.60 -0.49 12.31
C PRO B 124 19.70 0.58 11.23
N PRO B 125 18.82 1.58 11.27
CA PRO B 125 18.82 2.65 10.28
C PRO B 125 19.87 3.73 10.54
N SER B 126 20.29 4.39 9.46
CA SER B 126 21.19 5.52 9.56
C SER B 126 20.18 6.66 9.56
N VAL B 127 20.32 7.62 10.45
CA VAL B 127 19.36 8.71 10.51
C VAL B 127 20.03 10.02 10.12
N TYR B 128 19.50 10.66 9.08
CA TYR B 128 20.06 11.91 8.57
C TYR B 128 19.07 13.07 8.69
N PRO B 129 19.54 14.19 9.23
CA PRO B 129 18.69 15.39 9.38
C PRO B 129 18.54 16.10 8.05
N LEU B 130 17.34 16.59 7.77
CA LEU B 130 17.07 17.30 6.52
C LEU B 130 16.70 18.75 6.85
N ALA B 131 17.66 19.65 6.66
CA ALA B 131 17.43 21.06 6.90
C ALA B 131 17.48 21.77 5.55
N PRO B 132 16.68 22.83 5.37
CA PRO B 132 16.69 23.54 4.09
C PRO B 132 18.06 24.07 3.69
N GLY B 133 18.27 24.23 2.39
CA GLY B 133 19.53 24.75 1.90
C GLY B 133 19.84 26.11 2.50
N SER B 134 21.11 26.38 2.74
CA SER B 134 21.57 27.63 3.34
C SER B 134 20.86 28.86 2.76
N ALA B 135 20.57 28.82 1.47
CA ALA B 135 19.88 29.93 0.80
C ALA B 135 18.46 29.52 0.43
N SER B 140 4.39 32.48 8.00
CA SER B 140 5.44 31.76 7.28
C SER B 140 5.80 30.47 8.01
N MET B 141 5.85 29.38 7.26
CA MET B 141 6.16 28.09 7.83
C MET B 141 7.47 27.58 7.25
N VAL B 142 8.08 26.63 7.94
CA VAL B 142 9.32 26.04 7.48
C VAL B 142 9.17 24.53 7.63
N THR B 143 9.52 23.80 6.58
CA THR B 143 9.42 22.35 6.60
C THR B 143 10.79 21.73 6.78
N LEU B 144 10.88 20.80 7.73
CA LEU B 144 12.13 20.12 8.02
C LEU B 144 11.91 18.64 7.76
N GLY B 145 12.99 17.88 7.64
CA GLY B 145 12.84 16.47 7.37
C GLY B 145 13.82 15.57 8.09
N CYS B 146 13.59 14.28 7.90
CA CYS B 146 14.41 13.26 8.50
C CYS B 146 14.46 12.06 7.56
N LEU B 147 15.66 11.64 7.18
CA LEU B 147 15.83 10.49 6.29
C LEU B 147 16.31 9.29 7.13
N VAL B 148 15.55 8.20 7.05
CA VAL B 148 15.83 6.97 7.78
C VAL B 148 16.21 5.96 6.71
N LYS B 149 17.51 5.67 6.62
CA LYS B 149 18.02 4.81 5.56
C LYS B 149 18.75 3.51 5.88
N GLY B 150 18.48 2.49 5.07
CA GLY B 150 19.13 1.20 5.19
C GLY B 150 18.86 0.34 6.40
N TYR B 151 17.60 0.20 6.79
CA TYR B 151 17.27 -0.62 7.95
C TYR B 151 16.49 -1.86 7.55
N PHE B 152 16.42 -2.82 8.48
CA PHE B 152 15.68 -4.06 8.25
C PHE B 152 15.54 -4.76 9.58
N PRO B 153 14.34 -5.28 9.89
CA PRO B 153 13.13 -5.25 9.05
C PRO B 153 12.27 -4.04 9.39
N GLU B 154 11.08 -3.99 8.81
CA GLU B 154 10.14 -2.93 9.13
C GLU B 154 9.52 -3.41 10.44
N PRO B 155 8.98 -2.51 11.26
CA PRO B 155 8.93 -1.07 11.02
C PRO B 155 9.91 -0.28 11.87
N VAL B 156 9.93 1.03 11.63
CA VAL B 156 10.73 1.94 12.42
C VAL B 156 9.67 2.93 12.83
N THR B 157 9.88 3.63 13.94
CA THR B 157 8.92 4.61 14.35
C THR B 157 9.60 5.95 14.43
N VAL B 158 9.07 6.91 13.69
CA VAL B 158 9.64 8.26 13.69
C VAL B 158 8.70 9.21 14.40
N THR B 159 9.25 9.99 15.32
CA THR B 159 8.47 10.97 16.06
C THR B 159 9.28 12.26 16.08
N TRP B 160 8.65 13.36 16.48
CA TRP B 160 9.34 14.65 16.53
C TRP B 160 9.28 15.24 17.92
N ASN B 161 10.43 15.71 18.40
CA ASN B 161 10.52 16.27 19.75
C ASN B 161 9.93 15.32 20.78
N SER B 162 10.30 14.05 20.65
CA SER B 162 9.86 12.99 21.55
C SER B 162 8.35 12.88 21.63
N GLY B 163 7.68 13.20 20.53
CA GLY B 163 6.22 13.12 20.51
C GLY B 163 5.49 14.39 20.88
N SER B 164 6.21 15.41 21.31
CA SER B 164 5.61 16.69 21.69
C SER B 164 5.22 17.50 20.46
N LEU B 165 5.78 17.12 19.31
CA LEU B 165 5.50 17.78 18.04
C LEU B 165 4.83 16.71 17.17
N SER B 166 3.51 16.71 17.16
CA SER B 166 2.76 15.71 16.39
C SER B 166 1.94 16.27 15.22
N SER B 167 1.57 17.54 15.29
CA SER B 167 0.79 18.13 14.21
C SER B 167 1.73 18.59 13.09
N GLY B 168 1.22 18.58 11.86
CA GLY B 168 2.02 19.00 10.72
C GLY B 168 3.11 18.03 10.34
N VAL B 169 2.94 16.76 10.72
CA VAL B 169 3.93 15.74 10.42
C VAL B 169 3.47 14.78 9.32
N HIS B 170 4.42 14.40 8.46
CA HIS B 170 4.14 13.44 7.39
C HIS B 170 5.24 12.40 7.38
N THR B 171 4.92 11.17 7.74
CA THR B 171 5.90 10.10 7.71
C THR B 171 5.48 9.20 6.56
N PHE B 172 6.36 9.10 5.56
CA PHE B 172 6.08 8.35 4.35
C PHE B 172 6.35 6.85 4.38
N PRO B 173 5.59 6.08 3.59
CA PRO B 173 5.78 4.62 3.54
C PRO B 173 7.22 4.35 3.11
N ALA B 174 7.82 3.32 3.67
CA ALA B 174 9.19 2.97 3.33
C ALA B 174 9.24 2.34 1.95
N VAL B 175 10.38 2.47 1.30
CA VAL B 175 10.59 1.88 -0.02
C VAL B 175 11.81 0.99 0.13
N LEU B 176 11.89 -0.03 -0.71
CA LEU B 176 13.00 -0.98 -0.67
C LEU B 176 14.13 -0.50 -1.56
N GLN B 177 15.34 -0.47 -1.01
CA GLN B 177 16.51 -0.03 -1.78
C GLN B 177 17.74 -0.84 -1.43
N SER B 178 18.08 -1.80 -2.28
CA SER B 178 19.24 -2.64 -2.03
C SER B 178 18.98 -3.58 -0.87
N ASP B 179 17.84 -4.25 -0.92
CA ASP B 179 17.42 -5.19 0.12
C ASP B 179 17.19 -4.57 1.49
N LEU B 180 17.33 -3.24 1.59
CA LEU B 180 17.11 -2.55 2.85
C LEU B 180 16.02 -1.48 2.68
N TYR B 181 15.38 -1.09 3.78
CA TYR B 181 14.32 -0.10 3.71
C TYR B 181 14.78 1.32 3.96
N THR B 182 14.12 2.26 3.31
CA THR B 182 14.42 3.68 3.47
C THR B 182 13.08 4.42 3.53
N LEU B 183 12.96 5.35 4.47
CA LEU B 183 11.75 6.16 4.55
C LEU B 183 12.14 7.56 5.00
N SER B 184 11.22 8.49 4.84
CA SER B 184 11.48 9.86 5.25
C SER B 184 10.28 10.40 6.00
N SER B 185 10.51 11.45 6.79
CA SER B 185 9.43 12.08 7.53
C SER B 185 9.65 13.57 7.45
N SER B 186 8.57 14.32 7.29
CA SER B 186 8.65 15.78 7.23
C SER B 186 7.83 16.35 8.36
N VAL B 187 8.19 17.54 8.81
CA VAL B 187 7.44 18.23 9.84
C VAL B 187 7.50 19.69 9.48
N THR B 188 6.36 20.36 9.62
CA THR B 188 6.24 21.77 9.29
C THR B 188 5.85 22.56 10.52
N VAL B 189 6.64 23.59 10.84
CA VAL B 189 6.39 24.42 12.01
C VAL B 189 6.53 25.90 11.63
N PRO B 190 6.05 26.80 12.50
CA PRO B 190 6.17 28.24 12.20
C PRO B 190 7.65 28.57 12.11
N SER B 191 8.03 29.37 11.12
CA SER B 191 9.43 29.74 10.96
C SER B 191 9.94 30.51 12.17
N SER B 192 9.02 30.98 13.01
CA SER B 192 9.41 31.73 14.20
C SER B 192 9.81 30.80 15.35
N THR B 193 9.53 29.50 15.18
CA THR B 193 9.86 28.51 16.20
C THR B 193 11.15 27.74 15.89
N TRP B 194 11.59 27.79 14.65
CA TRP B 194 12.83 27.11 14.25
C TRP B 194 13.63 28.08 13.39
N PRO B 195 14.97 28.13 13.58
CA PRO B 195 15.77 27.35 14.52
C PRO B 195 15.91 27.93 15.93
N SER B 196 15.07 28.92 16.28
CA SER B 196 15.15 29.52 17.61
C SER B 196 14.85 28.48 18.69
N GLU B 197 13.97 27.54 18.37
CA GLU B 197 13.62 26.47 19.29
C GLU B 197 14.07 25.16 18.65
N THR B 198 14.52 24.22 19.47
CA THR B 198 15.01 22.96 18.96
C THR B 198 13.92 22.06 18.36
N VAL B 199 14.27 21.38 17.28
CA VAL B 199 13.39 20.43 16.61
C VAL B 199 14.25 19.21 16.39
N THR B 200 13.84 18.08 16.95
CA THR B 200 14.62 16.86 16.80
C THR B 200 13.79 15.70 16.30
N CYS B 201 14.41 14.92 15.43
CA CYS B 201 13.80 13.74 14.84
C CYS B 201 14.18 12.57 15.74
N ASN B 202 13.19 11.81 16.19
CA ASN B 202 13.45 10.66 17.05
C ASN B 202 13.07 9.38 16.32
N VAL B 203 14.05 8.52 16.10
CA VAL B 203 13.81 7.29 15.36
C VAL B 203 14.01 6.04 16.21
N ALA B 204 12.98 5.21 16.29
CA ALA B 204 13.09 3.97 17.05
C ALA B 204 12.94 2.78 16.11
N HIS B 205 13.84 1.82 16.24
CA HIS B 205 13.80 0.60 15.43
C HIS B 205 13.77 -0.57 16.41
N PRO B 206 12.56 -1.02 16.78
CA PRO B 206 12.41 -2.15 17.72
C PRO B 206 13.31 -3.35 17.47
N ALA B 207 13.28 -3.88 16.25
CA ALA B 207 14.07 -5.07 15.88
C ALA B 207 15.56 -5.00 16.22
N SER B 208 16.16 -3.83 16.06
CA SER B 208 17.59 -3.70 16.36
C SER B 208 17.82 -3.07 17.74
N SER B 209 16.73 -2.79 18.45
CA SER B 209 16.81 -2.18 19.78
C SER B 209 17.61 -0.88 19.76
N THR B 210 17.38 -0.07 18.75
CA THR B 210 18.10 1.19 18.64
C THR B 210 17.18 2.39 18.56
N LYS B 211 17.67 3.53 19.02
CA LYS B 211 16.92 4.75 18.93
C LYS B 211 17.94 5.81 18.58
N VAL B 212 17.53 6.77 17.77
CA VAL B 212 18.41 7.86 17.38
C VAL B 212 17.64 9.17 17.49
N ASP B 213 18.23 10.13 18.18
CA ASP B 213 17.60 11.43 18.33
C ASP B 213 18.49 12.39 17.54
N LYS B 214 18.02 12.80 16.36
CA LYS B 214 18.78 13.69 15.49
C LYS B 214 18.24 15.13 15.49
N LYS B 215 19.03 16.05 16.00
CA LYS B 215 18.62 17.45 16.04
C LYS B 215 18.77 18.05 14.66
N ILE B 216 17.76 18.80 14.22
CA ILE B 216 17.80 19.43 12.91
C ILE B 216 18.43 20.82 13.09
N VAL B 217 19.66 20.97 12.61
CA VAL B 217 20.35 22.25 12.72
C VAL B 217 20.48 22.90 11.34
N PRO B 218 20.43 24.23 11.28
CA PRO B 218 20.53 24.99 10.02
C PRO B 218 21.86 24.79 9.31
N ARG B 219 21.84 24.91 7.98
CA ARG B 219 23.05 24.78 7.17
C ARG B 219 23.75 26.14 7.11
N ASP B 220 25.03 26.15 6.72
CA ASP B 220 25.75 27.41 6.68
C ASP B 220 26.50 27.86 5.43
N CYS B 221 25.80 27.93 4.30
CA CYS B 221 26.42 28.40 3.06
C CYS B 221 27.68 27.71 2.60
C1 GOL C . 25.74 12.26 -16.08
O1 GOL C . 25.28 13.16 -17.33
C2 GOL C . 26.71 12.62 -15.16
O2 GOL C . 27.22 13.82 -15.43
C3 GOL C . 26.82 11.75 -14.33
O3 GOL C . 26.61 10.41 -13.58
O1 MES D . -17.23 -28.48 -7.79
C2 MES D . -16.49 -27.40 -7.16
C3 MES D . -16.65 -27.44 -5.65
N4 MES D . -18.08 -27.37 -5.30
C5 MES D . -18.84 -28.45 -5.93
C6 MES D . -18.63 -28.44 -7.44
C7 MES D . -18.30 -27.41 -3.83
C8 MES D . -18.04 -26.07 -3.12
S MES D . -17.76 -26.28 -1.38
O1S MES D . -16.52 -27.04 -1.28
O2S MES D . -18.88 -27.01 -0.83
O3S MES D . -17.60 -24.95 -0.81
C1 GOL E . 11.44 -4.31 22.74
O1 GOL E . 10.72 -5.73 23.00
C2 GOL E . 11.77 -3.82 21.48
O2 GOL E . 10.69 -3.66 20.72
C3 GOL E . 12.95 -3.68 21.37
O3 GOL E . 14.46 -3.70 21.71
#